data_6A44
#
_entry.id   6A44
#
_cell.length_a   141.801
_cell.length_b   141.801
_cell.length_c   38.150
_cell.angle_alpha   90.00
_cell.angle_beta   90.00
_cell.angle_gamma   120.00
#
_symmetry.space_group_name_H-M   'P 3 2 1'
#
loop_
_entity.id
_entity.type
_entity.pdbx_description
1 polymer 'RNA-directed DNA polymerase homolog (R1),Polyubiquitin-C'
2 non-polymer 'ACETIC ACID'
3 water water
#
_entity_poly.entity_id   1
_entity_poly.type   'polypeptide(L)'
_entity_poly.pdbx_seq_one_letter_code
;HMDIRPRLRIGQINLGGAEDATRELPSIARDLGLDIVLVQAQYSMVGFLAQCGAHPKAGVYIRNRVLPCCVLHHLSSTHI
TVVHIGGWDLYMVSAYFQYSDPIDPYLHRLGNILDRLRGARVVICADTNAHSPLWHSLPRHYVGRGQEVADRRAKMEDFI
GARRLVVHNADGHLPTFSTANGESYVDVTLSTRGVRVSEWRVTNESSSDHRLIVFGVGGGTTGEGSMQIFVKTLTGKTIT
LEVEPSDTIENVKAKIQDKEGIPPDQQRLIFAGKQLEDGRTLSDYNIQKESTLHLVLRLRGG
;
_entity_poly.pdbx_strand_id   A
#
loop_
_chem_comp.id
_chem_comp.type
_chem_comp.name
_chem_comp.formula
ACY non-polymer 'ACETIC ACID' 'C2 H4 O2'
#
# COMPACT_ATOMS: atom_id res chain seq x y z
N MET A 2 -0.06 -23.31 3.04
CA MET A 2 0.03 -21.92 3.54
C MET A 2 -1.37 -21.26 3.50
N ASP A 3 -1.82 -20.70 2.37
CA ASP A 3 -3.16 -20.06 2.40
C ASP A 3 -3.76 -19.75 1.02
N ILE A 4 -5.04 -19.37 1.08
CA ILE A 4 -5.96 -19.28 -0.07
C ILE A 4 -6.10 -17.83 -0.56
N ARG A 5 -5.81 -16.84 0.28
CA ARG A 5 -6.03 -15.45 -0.15
C ARG A 5 -4.76 -14.95 -0.84
N PRO A 6 -4.90 -14.13 -1.91
CA PRO A 6 -3.76 -13.73 -2.75
C PRO A 6 -2.82 -12.64 -2.20
N ARG A 7 -3.35 -11.76 -1.32
CA ARG A 7 -2.70 -10.53 -0.82
C ARG A 7 -3.02 -10.38 0.69
N LEU A 8 -2.35 -9.43 1.38
CA LEU A 8 -2.62 -9.17 2.81
C LEU A 8 -3.97 -8.49 3.01
N ARG A 9 -4.65 -8.85 4.09
CA ARG A 9 -5.82 -8.18 4.53
C ARG A 9 -5.54 -7.43 5.83
N ILE A 10 -6.04 -6.19 5.90
CA ILE A 10 -5.78 -5.27 6.95
C ILE A 10 -7.10 -4.80 7.56
N GLY A 11 -7.11 -4.69 8.90
CA GLY A 11 -8.10 -3.94 9.63
C GLY A 11 -7.48 -2.70 10.27
N GLN A 12 -8.35 -1.73 10.59
CA GLN A 12 -7.99 -0.45 11.19
C GLN A 12 -9.16 -0.08 12.08
N ILE A 13 -8.93 0.16 13.37
CA ILE A 13 -10.02 0.46 14.30
C ILE A 13 -9.47 1.20 15.53
N ASN A 14 -10.22 2.23 15.94
CA ASN A 14 -10.08 2.86 17.25
C ASN A 14 -11.04 2.12 18.20
N LEU A 15 -10.48 1.55 19.29
CA LEU A 15 -11.21 0.64 20.19
C LEU A 15 -11.82 1.36 21.39
N GLY A 16 -11.57 2.67 21.50
CA GLY A 16 -12.24 3.49 22.50
C GLY A 16 -11.81 3.18 23.93
N GLY A 17 -10.66 2.52 24.10
CA GLY A 17 -10.12 2.25 25.44
C GLY A 17 -10.73 1.03 26.13
N ALA A 18 -11.64 0.32 25.45
CA ALA A 18 -12.48 -0.76 26.04
C ALA A 18 -11.84 -2.15 25.90
N GLU A 19 -11.81 -2.83 27.05
CA GLU A 19 -11.32 -4.20 27.14
C GLU A 19 -12.06 -5.11 26.14
N ASP A 20 -13.40 -5.04 26.14
CA ASP A 20 -14.27 -5.97 25.38
C ASP A 20 -14.04 -5.80 23.86
N ALA A 21 -13.90 -4.55 23.40
CA ALA A 21 -13.69 -4.32 21.99
C ALA A 21 -12.27 -4.79 21.64
N THR A 22 -11.30 -4.56 22.53
CA THR A 22 -9.95 -5.06 22.31
C THR A 22 -9.95 -6.59 22.26
N ARG A 23 -10.66 -7.23 23.19
CA ARG A 23 -10.56 -8.73 23.31
C ARG A 23 -11.35 -9.43 22.19
N GLU A 24 -12.24 -8.72 21.50
CA GLU A 24 -12.99 -9.31 20.41
C GLU A 24 -12.19 -9.28 19.09
N LEU A 25 -11.05 -8.59 19.03
CA LEU A 25 -10.30 -8.51 17.77
C LEU A 25 -9.84 -9.86 17.25
N PRO A 26 -9.31 -10.78 18.08
CA PRO A 26 -8.80 -12.03 17.52
C PRO A 26 -9.91 -12.76 16.74
N SER A 27 -11.12 -12.76 17.30
CA SER A 27 -12.22 -13.47 16.67
C SER A 27 -12.65 -12.76 15.37
N ILE A 28 -12.75 -11.42 15.42
CA ILE A 28 -12.99 -10.64 14.22
C ILE A 28 -11.90 -10.92 13.18
N ALA A 29 -10.65 -10.91 13.61
CA ALA A 29 -9.57 -11.16 12.68
C ALA A 29 -9.73 -12.52 12.02
N ARG A 30 -10.16 -13.52 12.81
CA ARG A 30 -10.23 -14.93 12.32
C ARG A 30 -11.43 -15.08 11.37
N ASP A 31 -12.55 -14.48 11.76
CA ASP A 31 -13.77 -14.43 11.02
C ASP A 31 -13.52 -13.79 9.64
N LEU A 32 -12.87 -12.62 9.58
CA LEU A 32 -12.73 -11.87 8.33
C LEU A 32 -11.45 -12.22 7.57
N GLY A 33 -10.54 -13.00 8.19
CA GLY A 33 -9.28 -13.33 7.51
C GLY A 33 -8.29 -12.18 7.46
N LEU A 34 -8.28 -11.37 8.53
CA LEU A 34 -7.35 -10.26 8.68
C LEU A 34 -5.98 -10.81 9.12
N ASP A 35 -4.93 -10.42 8.38
CA ASP A 35 -3.53 -10.65 8.73
C ASP A 35 -3.08 -9.69 9.83
N ILE A 36 -3.49 -8.42 9.76
CA ILE A 36 -2.97 -7.33 10.61
C ILE A 36 -4.11 -6.37 10.92
N VAL A 37 -4.18 -5.94 12.17
CA VAL A 37 -5.08 -4.90 12.55
C VAL A 37 -4.30 -3.77 13.19
N LEU A 38 -4.48 -2.56 12.63
CA LEU A 38 -3.85 -1.37 13.13
C LEU A 38 -4.86 -0.68 14.05
N VAL A 39 -4.51 -0.57 15.33
CA VAL A 39 -5.47 -0.19 16.36
C VAL A 39 -5.03 1.15 16.97
N GLN A 40 -6.01 1.90 17.48
CA GLN A 40 -5.77 3.06 18.33
C GLN A 40 -6.62 2.93 19.59
N ALA A 41 -6.23 3.64 20.65
CA ALA A 41 -6.98 3.63 21.93
C ALA A 41 -7.34 2.18 22.34
N GLN A 42 -6.39 1.25 22.20
CA GLN A 42 -6.47 -0.10 22.76
C GLN A 42 -6.57 -0.03 24.29
N TYR A 43 -7.27 -1.02 24.85
CA TYR A 43 -7.01 -1.50 26.20
C TYR A 43 -5.63 -2.18 26.17
N SER A 44 -4.62 -1.52 26.75
CA SER A 44 -3.20 -1.95 26.56
C SER A 44 -2.82 -3.22 27.34
N MET A 45 -3.59 -3.59 28.39
CA MET A 45 -3.28 -4.73 29.30
C MET A 45 -3.73 -6.05 28.66
N VAL A 46 -3.36 -6.28 27.41
CA VAL A 46 -3.65 -7.49 26.72
C VAL A 46 -2.32 -8.02 26.23
N GLY A 47 -2.33 -9.27 25.79
CA GLY A 47 -1.11 -9.97 25.55
C GLY A 47 -0.69 -9.91 24.10
N PHE A 48 -1.57 -9.44 23.22
CA PHE A 48 -1.40 -9.73 21.77
C PHE A 48 -1.15 -8.46 20.93
N LEU A 49 -0.77 -7.34 21.56
CA LEU A 49 -0.51 -6.09 20.79
C LEU A 49 0.99 -5.79 20.77
N ALA A 50 1.55 -5.48 19.60
CA ALA A 50 2.76 -4.66 19.49
C ALA A 50 2.40 -3.20 19.78
N GLN A 51 3.07 -2.59 20.78
CA GLN A 51 2.75 -1.27 21.33
C GLN A 51 3.93 -0.73 22.15
N CYS A 52 4.07 0.61 22.23
CA CYS A 52 5.20 1.29 22.84
C CYS A 52 4.77 2.31 23.89
N GLY A 53 5.67 2.54 24.85
CA GLY A 53 5.47 3.51 25.92
C GLY A 53 4.67 2.90 27.03
N ALA A 54 4.42 3.69 28.08
CA ALA A 54 3.83 3.21 29.34
C ALA A 54 2.30 3.07 29.22
N HIS A 55 1.68 4.02 28.52
CA HIS A 55 0.24 4.00 28.29
C HIS A 55 0.00 4.16 26.79
N PRO A 56 0.30 3.15 25.98
CA PRO A 56 0.18 3.28 24.53
C PRO A 56 -1.26 3.52 24.08
N LYS A 57 -1.39 4.27 22.99
CA LYS A 57 -2.68 4.61 22.39
C LYS A 57 -2.70 4.32 20.88
N ALA A 58 -1.66 3.68 20.38
CA ALA A 58 -1.70 3.04 19.11
C ALA A 58 -0.93 1.73 19.24
N GLY A 59 -1.29 0.75 18.40
CA GLY A 59 -0.58 -0.51 18.34
C GLY A 59 -0.93 -1.25 17.06
N VAL A 60 -0.39 -2.47 16.94
CA VAL A 60 -0.62 -3.38 15.83
C VAL A 60 -0.88 -4.78 16.41
N TYR A 61 -2.00 -5.40 15.98
CA TYR A 61 -2.32 -6.82 16.23
C TYR A 61 -1.93 -7.63 15.00
N ILE A 62 -1.02 -8.58 15.21
CA ILE A 62 -0.64 -9.53 14.16
C ILE A 62 -1.36 -10.86 14.43
N ARG A 63 -2.29 -11.21 13.55
CA ARG A 63 -3.20 -12.35 13.82
C ARG A 63 -2.41 -13.65 13.82
N ASN A 64 -1.53 -13.77 12.84
CA ASN A 64 -0.76 -14.94 12.68
C ASN A 64 0.70 -14.60 13.02
N ARG A 65 1.12 -15.05 14.21
CA ARG A 65 2.35 -14.63 14.85
C ARG A 65 3.58 -15.10 14.07
N VAL A 66 3.43 -15.97 13.08
CA VAL A 66 4.60 -16.43 12.30
C VAL A 66 4.92 -15.47 11.16
N LEU A 67 4.01 -14.55 10.86
CA LEU A 67 4.30 -13.45 9.94
C LEU A 67 5.48 -12.62 10.47
N PRO A 68 6.56 -12.47 9.70
CA PRO A 68 7.67 -11.62 10.11
C PRO A 68 7.21 -10.17 10.25
N CYS A 69 7.32 -9.64 11.45
CA CYS A 69 6.86 -8.33 11.69
C CYS A 69 7.82 -7.67 12.67
N CYS A 70 8.53 -6.65 12.19
CA CYS A 70 9.51 -5.94 12.95
C CYS A 70 8.88 -4.63 13.45
N VAL A 71 8.92 -4.38 14.74
CA VAL A 71 8.54 -3.08 15.24
C VAL A 71 9.76 -2.17 15.23
N LEU A 72 9.67 -1.04 14.52
CA LEU A 72 10.72 -0.06 14.45
C LEU A 72 10.62 0.90 15.65
N HIS A 73 11.51 0.65 16.58
CA HIS A 73 11.52 1.29 17.87
C HIS A 73 12.08 2.71 17.73
N HIS A 74 13.02 2.90 16.82
CA HIS A 74 13.46 4.26 16.58
C HIS A 74 12.35 5.14 15.95
N LEU A 75 11.33 4.54 15.32
CA LEU A 75 10.23 5.34 14.69
C LEU A 75 8.92 5.31 15.52
N SER A 76 8.83 4.54 16.61
CA SER A 76 7.58 4.40 17.31
C SER A 76 7.55 5.17 18.63
N SER A 77 6.32 5.32 19.16
CA SER A 77 5.98 6.09 20.34
C SER A 77 4.57 5.65 20.81
N THR A 78 4.06 6.28 21.86
CA THR A 78 2.79 5.88 22.42
C THR A 78 1.66 6.06 21.40
N HIS A 79 1.74 7.07 20.52
CA HIS A 79 0.65 7.45 19.66
C HIS A 79 0.90 7.00 18.22
N ILE A 80 2.09 6.49 17.91
CA ILE A 80 2.39 6.10 16.56
C ILE A 80 3.31 4.88 16.62
N THR A 81 2.79 3.74 16.12
CA THR A 81 3.48 2.49 16.04
C THR A 81 3.82 2.23 14.58
N VAL A 82 5.09 1.94 14.28
CA VAL A 82 5.52 1.64 12.93
C VAL A 82 6.07 0.21 12.88
N VAL A 83 5.57 -0.58 11.92
CA VAL A 83 6.00 -1.97 11.70
C VAL A 83 6.51 -2.14 10.26
N HIS A 84 7.46 -3.07 10.12
CA HIS A 84 7.95 -3.60 8.87
C HIS A 84 7.45 -5.03 8.72
N ILE A 85 6.77 -5.31 7.61
CA ILE A 85 6.12 -6.59 7.41
C ILE A 85 6.97 -7.31 6.39
N GLY A 86 7.81 -8.24 6.87
CA GLY A 86 9.02 -8.61 6.16
C GLY A 86 8.68 -9.45 4.93
N GLY A 87 9.60 -9.51 3.96
CA GLY A 87 10.95 -8.95 4.06
C GLY A 87 11.42 -8.24 2.79
N TRP A 88 10.48 -7.74 1.99
CA TRP A 88 10.74 -6.74 0.92
C TRP A 88 10.43 -5.35 1.52
N ASP A 89 9.57 -4.55 0.91
CA ASP A 89 9.52 -3.14 1.36
C ASP A 89 8.11 -2.67 1.79
N LEU A 90 7.32 -3.50 2.51
CA LEU A 90 6.06 -2.99 3.07
C LEU A 90 6.15 -2.53 4.54
N TYR A 91 5.78 -1.26 4.79
CA TYR A 91 5.69 -0.75 6.15
C TYR A 91 4.27 -0.29 6.46
N MET A 92 3.93 -0.27 7.75
CA MET A 92 2.60 0.08 8.20
C MET A 92 2.68 0.87 9.50
N VAL A 93 1.82 1.91 9.56
CA VAL A 93 1.79 2.87 10.63
C VAL A 93 0.36 2.91 11.19
N SER A 94 0.25 2.76 12.52
CA SER A 94 -0.98 3.03 13.26
C SER A 94 -0.76 4.32 14.04
N ALA A 95 -1.66 5.29 13.88
CA ALA A 95 -1.48 6.58 14.50
C ALA A 95 -2.79 7.05 15.12
N TYR A 96 -2.68 7.69 16.28
CA TYR A 96 -3.77 8.25 16.99
C TYR A 96 -3.46 9.71 17.31
N PHE A 97 -4.17 10.61 16.64
CA PHE A 97 -4.05 12.06 16.82
C PHE A 97 -5.11 12.46 17.84
N GLN A 98 -4.69 12.43 19.09
CA GLN A 98 -5.55 12.62 20.22
C GLN A 98 -6.26 13.97 20.10
N TYR A 99 -7.57 13.97 20.35
CA TYR A 99 -8.43 15.11 20.07
C TYR A 99 -8.00 16.31 20.91
N SER A 100 -7.53 16.05 22.13
CA SER A 100 -7.19 17.12 23.11
C SER A 100 -5.89 17.86 22.74
N ASP A 101 -5.05 17.29 21.87
CA ASP A 101 -3.76 17.88 21.54
C ASP A 101 -3.85 18.61 20.20
N PRO A 102 -2.92 19.54 19.92
CA PRO A 102 -2.69 20.03 18.56
C PRO A 102 -2.20 18.92 17.63
N ILE A 103 -2.42 19.07 16.33
CA ILE A 103 -2.13 18.03 15.41
C ILE A 103 -0.67 18.10 14.96
N ASP A 104 -0.07 19.29 15.05
CA ASP A 104 1.22 19.57 14.41
C ASP A 104 2.29 18.59 14.88
N PRO A 105 2.51 18.41 16.20
CA PRO A 105 3.57 17.51 16.65
C PRO A 105 3.45 16.13 15.98
N TYR A 106 2.21 15.64 15.81
CA TYR A 106 1.97 14.31 15.25
C TYR A 106 2.38 14.29 13.77
N LEU A 107 1.96 15.32 13.06
CA LEU A 107 2.36 15.43 11.67
C LEU A 107 3.89 15.52 11.53
N HIS A 108 4.56 16.28 12.40
CA HIS A 108 6.05 16.36 12.41
CA HIS A 108 6.03 16.33 12.33
C HIS A 108 6.60 14.92 12.51
N ARG A 109 6.11 14.13 13.49
CA ARG A 109 6.63 12.72 13.63
C ARG A 109 6.37 11.88 12.37
N LEU A 110 5.16 11.94 11.82
CA LEU A 110 4.86 11.17 10.60
C LEU A 110 5.82 11.60 9.51
N GLY A 111 6.09 12.91 9.47
CA GLY A 111 7.04 13.42 8.49
C GLY A 111 8.40 12.76 8.64
N ASN A 112 8.92 12.73 9.87
CA ASN A 112 10.21 12.04 10.16
C ASN A 112 10.15 10.59 9.72
N ILE A 113 9.02 9.97 10.04
CA ILE A 113 8.86 8.56 9.71
C ILE A 113 8.95 8.42 8.18
N LEU A 114 8.27 9.30 7.44
CA LEU A 114 8.28 9.16 5.95
C LEU A 114 9.63 9.52 5.33
N ASP A 115 10.37 10.46 5.93
CA ASP A 115 11.74 10.78 5.50
C ASP A 115 12.62 9.55 5.63
N ARG A 116 12.57 8.88 6.80
CA ARG A 116 13.39 7.69 7.03
C ARG A 116 12.96 6.56 6.10
N LEU A 117 11.67 6.47 5.75
CA LEU A 117 11.25 5.39 4.92
C LEU A 117 11.13 5.82 3.47
N ARG A 118 11.82 6.90 3.06
CA ARG A 118 11.74 7.45 1.69
C ARG A 118 11.92 6.32 0.66
N GLY A 119 11.02 6.26 -0.31
CA GLY A 119 11.09 5.25 -1.33
C GLY A 119 10.20 4.04 -1.06
N ALA A 120 10.00 3.73 0.23
CA ALA A 120 9.32 2.52 0.63
C ALA A 120 7.81 2.64 0.42
N ARG A 121 7.17 1.46 0.32
CA ARG A 121 5.75 1.32 0.39
C ARG A 121 5.28 1.45 1.86
N VAL A 122 4.55 2.52 2.16
CA VAL A 122 4.06 2.79 3.49
C VAL A 122 2.55 2.94 3.49
N VAL A 123 1.88 2.28 4.43
CA VAL A 123 0.49 2.44 4.67
C VAL A 123 0.30 3.04 6.07
N ILE A 124 -0.52 4.10 6.16
CA ILE A 124 -0.83 4.78 7.40
C ILE A 124 -2.33 4.67 7.69
N CYS A 125 -2.65 4.19 8.88
CA CYS A 125 -3.99 4.04 9.35
C CYS A 125 -4.12 4.95 10.57
N ALA A 126 -4.79 6.07 10.39
CA ALA A 126 -4.80 7.11 11.38
C ALA A 126 -6.23 7.46 11.78
N ASP A 127 -6.50 7.51 13.10
CA ASP A 127 -7.57 8.30 13.65
C ASP A 127 -7.06 9.74 13.77
N THR A 128 -7.50 10.60 12.84
CA THR A 128 -7.02 11.99 12.72
C THR A 128 -7.80 12.96 13.62
N ASN A 129 -8.97 12.55 14.07
CA ASN A 129 -9.87 13.48 14.73
C ASN A 129 -10.00 14.76 13.88
N ALA A 130 -10.02 14.58 12.54
CA ALA A 130 -10.15 15.69 11.61
C ALA A 130 -11.19 15.34 10.53
N HIS A 131 -11.71 16.41 9.91
CA HIS A 131 -12.89 16.36 9.05
C HIS A 131 -12.52 17.01 7.72
N SER A 132 -12.63 16.24 6.63
CA SER A 132 -12.27 16.72 5.29
C SER A 132 -13.09 16.01 4.23
N PRO A 133 -13.47 16.71 3.14
CA PRO A 133 -14.10 16.07 1.99
C PRO A 133 -13.22 15.00 1.35
N LEU A 134 -11.88 15.10 1.47
CA LEU A 134 -11.01 14.03 0.98
C LEU A 134 -11.49 12.68 1.49
N TRP A 135 -11.96 12.58 2.75
CA TRP A 135 -12.44 11.28 3.26
C TRP A 135 -13.94 11.30 3.58
N HIS A 136 -14.71 12.14 2.84
CA HIS A 136 -16.20 12.04 2.75
C HIS A 136 -16.92 12.61 3.97
N SER A 137 -16.23 13.38 4.84
CA SER A 137 -16.90 14.20 5.81
C SER A 137 -17.92 15.09 5.06
N LEU A 138 -19.05 15.41 5.72
CA LEU A 138 -20.09 16.29 5.19
C LEU A 138 -19.66 17.72 5.44
N PRO A 139 -20.13 18.70 4.64
CA PRO A 139 -19.85 20.11 4.93
C PRO A 139 -20.16 20.52 6.37
N ARG A 140 -21.22 20.01 6.99
CA ARG A 140 -21.49 20.42 8.36
C ARG A 140 -20.47 19.89 9.38
N HIS A 141 -19.61 18.93 9.00
CA HIS A 141 -18.49 18.51 9.89
C HIS A 141 -17.30 19.46 9.80
N TYR A 142 -17.05 20.08 8.65
CA TYR A 142 -15.78 20.80 8.52
C TYR A 142 -15.94 22.27 8.15
N VAL A 143 -17.16 22.78 8.05
CA VAL A 143 -17.46 24.19 7.81
C VAL A 143 -18.38 24.64 8.95
N GLY A 144 -18.11 25.82 9.50
CA GLY A 144 -18.95 26.41 10.53
C GLY A 144 -18.91 25.61 11.81
N ARG A 145 -17.73 25.06 12.14
CA ARG A 145 -17.58 24.28 13.38
C ARG A 145 -16.43 24.85 14.21
N GLY A 146 -16.02 26.08 13.90
CA GLY A 146 -14.97 26.77 14.67
C GLY A 146 -13.61 26.66 14.01
N GLN A 147 -12.68 27.45 14.52
CA GLN A 147 -11.36 27.67 13.96
C GLN A 147 -10.47 26.43 14.10
N GLU A 148 -10.60 25.74 15.22
CA GLU A 148 -9.81 24.53 15.48
C GLU A 148 -10.13 23.44 14.46
N VAL A 149 -11.42 23.23 14.18
CA VAL A 149 -11.82 22.22 13.21
C VAL A 149 -11.21 22.62 11.86
N ALA A 150 -11.31 23.89 11.49
CA ALA A 150 -10.78 24.34 10.19
C ALA A 150 -9.24 24.20 10.16
N ASP A 151 -8.59 24.43 11.30
CA ASP A 151 -7.12 24.34 11.38
C ASP A 151 -6.64 22.87 11.24
N ARG A 152 -7.26 21.94 11.97
CA ARG A 152 -6.85 20.55 11.91
C ARG A 152 -7.00 20.08 10.47
N ARG A 153 -8.14 20.40 9.87
CA ARG A 153 -8.48 20.02 8.52
C ARG A 153 -7.36 20.47 7.57
N ALA A 154 -7.06 21.77 7.62
CA ALA A 154 -6.13 22.40 6.70
C ALA A 154 -4.72 21.76 6.84
N LYS A 155 -4.31 21.50 8.08
CA LYS A 155 -2.96 20.99 8.30
C LYS A 155 -2.87 19.55 7.78
N MET A 156 -3.95 18.80 8.00
CA MET A 156 -4.05 17.44 7.55
C MET A 156 -3.99 17.41 6.00
N GLU A 157 -4.64 18.40 5.38
CA GLU A 157 -4.70 18.45 3.89
C GLU A 157 -3.33 18.91 3.34
N ASP A 158 -2.65 19.83 4.01
CA ASP A 158 -1.34 20.28 3.52
C ASP A 158 -0.31 19.15 3.65
N PHE A 159 -0.42 18.39 4.74
CA PHE A 159 0.45 17.33 4.98
C PHE A 159 0.29 16.28 3.90
N ILE A 160 -0.95 15.91 3.65
CA ILE A 160 -1.19 14.93 2.62
C ILE A 160 -0.58 15.41 1.32
N GLY A 161 -0.82 16.69 1.02
CA GLY A 161 -0.40 17.27 -0.25
C GLY A 161 1.11 17.34 -0.39
N ALA A 162 1.81 17.80 0.66
CA ALA A 162 3.27 17.92 0.65
C ALA A 162 3.97 16.56 0.61
N ARG A 163 3.34 15.46 1.08
CA ARG A 163 3.96 14.10 1.12
C ARG A 163 3.47 13.21 -0.02
N ARG A 164 2.61 13.79 -0.88
CA ARG A 164 2.01 13.12 -1.98
C ARG A 164 1.40 11.81 -1.52
N LEU A 165 0.59 11.86 -0.46
CA LEU A 165 -0.07 10.72 0.02
C LEU A 165 -1.41 10.59 -0.70
N VAL A 166 -1.86 9.33 -0.79
CA VAL A 166 -3.13 8.90 -1.38
C VAL A 166 -4.08 8.48 -0.24
N VAL A 167 -5.29 9.00 -0.30
CA VAL A 167 -6.31 8.72 0.64
C VAL A 167 -7.19 7.63 0.02
N HIS A 168 -7.37 6.48 0.68
CA HIS A 168 -8.08 5.35 0.08
C HIS A 168 -9.53 5.26 0.55
N ASN A 169 -9.93 6.10 1.49
CA ASN A 169 -11.33 6.10 1.94
C ASN A 169 -12.23 6.38 0.72
N ALA A 170 -13.17 5.48 0.47
CA ALA A 170 -14.03 5.52 -0.71
C ALA A 170 -15.45 5.97 -0.36
N ASP A 171 -16.09 6.58 -1.36
CA ASP A 171 -17.37 7.22 -1.20
C ASP A 171 -18.42 6.13 -1.03
N GLY A 172 -19.49 6.44 -0.31
CA GLY A 172 -20.62 5.52 -0.23
C GLY A 172 -20.57 4.58 0.95
N HIS A 173 -19.56 4.70 1.83
CA HIS A 173 -19.48 3.79 2.98
C HIS A 173 -20.02 4.46 4.24
N LEU A 174 -20.32 3.63 5.24
CA LEU A 174 -20.77 4.11 6.54
C LEU A 174 -19.76 5.08 7.12
N PRO A 175 -20.24 6.01 7.98
CA PRO A 175 -19.35 6.82 8.81
C PRO A 175 -18.42 5.93 9.64
N THR A 176 -17.23 6.44 9.94
CA THR A 176 -16.22 5.66 10.66
C THR A 176 -16.40 5.83 12.16
N PHE A 177 -17.22 6.81 12.58
CA PHE A 177 -17.32 7.16 14.00
C PHE A 177 -18.75 7.58 14.32
N SER A 178 -19.38 6.85 15.23
CA SER A 178 -20.82 7.02 15.53
C SER A 178 -21.05 7.10 17.03
N THR A 179 -21.33 8.31 17.53
CA THR A 179 -21.74 8.54 18.93
C THR A 179 -23.20 9.01 18.94
N ALA A 180 -23.67 9.43 20.12
CA ALA A 180 -25.01 9.99 20.31
C ALA A 180 -25.02 11.46 19.87
N ASN A 181 -23.84 12.07 19.78
CA ASN A 181 -23.67 13.44 19.27
C ASN A 181 -23.69 13.48 17.73
N GLY A 182 -23.84 12.31 17.08
CA GLY A 182 -23.90 12.21 15.61
C GLY A 182 -22.84 11.27 15.01
N GLU A 183 -22.82 11.20 13.69
CA GLU A 183 -21.94 10.38 12.91
C GLU A 183 -20.91 11.25 12.21
N SER A 184 -19.66 10.79 12.19
CA SER A 184 -18.59 11.53 11.53
C SER A 184 -17.58 10.60 10.83
N TYR A 185 -16.62 11.24 10.15
CA TYR A 185 -15.60 10.56 9.39
C TYR A 185 -14.22 11.11 9.75
N VAL A 186 -13.48 10.40 10.60
CA VAL A 186 -12.21 10.91 11.07
C VAL A 186 -11.11 9.85 11.00
N ASP A 187 -11.45 8.61 10.65
CA ASP A 187 -10.50 7.51 10.49
C ASP A 187 -10.06 7.41 9.03
N VAL A 188 -8.76 7.52 8.78
CA VAL A 188 -8.28 7.69 7.44
C VAL A 188 -7.23 6.63 7.15
N THR A 189 -7.29 6.11 5.92
CA THR A 189 -6.34 5.16 5.34
C THR A 189 -5.55 5.88 4.26
N LEU A 190 -4.27 6.08 4.50
CA LEU A 190 -3.35 6.69 3.54
C LEU A 190 -2.32 5.66 3.11
N SER A 191 -1.69 5.92 1.97
CA SER A 191 -0.49 5.23 1.59
C SER A 191 0.39 6.15 0.76
N THR A 192 1.65 5.73 0.58
CA THR A 192 2.56 6.31 -0.42
C THR A 192 2.06 5.91 -1.83
N ARG A 193 2.61 6.59 -2.84
CA ARG A 193 2.16 6.49 -4.23
C ARG A 193 2.45 5.07 -4.69
N GLY A 194 1.51 4.52 -5.45
CA GLY A 194 1.58 3.14 -5.92
C GLY A 194 1.78 2.10 -4.81
N VAL A 195 0.97 2.16 -3.75
CA VAL A 195 0.64 0.97 -2.99
C VAL A 195 -0.74 0.52 -3.50
N ARG A 196 -0.92 -0.75 -3.81
CA ARG A 196 -2.17 -1.21 -4.41
C ARG A 196 -3.13 -1.56 -3.28
N VAL A 197 -4.11 -0.68 -3.03
CA VAL A 197 -5.08 -0.90 -2.01
C VAL A 197 -6.39 -1.27 -2.71
N SER A 198 -7.07 -2.32 -2.23
CA SER A 198 -8.28 -2.84 -2.86
C SER A 198 -9.35 -3.12 -1.80
N GLU A 199 -10.61 -3.03 -2.22
CA GLU A 199 -11.71 -3.58 -1.47
C GLU A 199 -11.91 -2.82 -0.15
N TRP A 200 -11.53 -1.55 -0.11
CA TRP A 200 -11.64 -0.75 1.09
C TRP A 200 -13.11 -0.62 1.46
N ARG A 201 -13.44 -0.85 2.74
CA ARG A 201 -14.78 -0.68 3.19
C ARG A 201 -14.80 -0.47 4.69
N VAL A 202 -15.98 -0.10 5.20
CA VAL A 202 -16.25 0.17 6.59
C VAL A 202 -17.29 -0.86 7.01
N THR A 203 -17.05 -1.56 8.12
CA THR A 203 -17.91 -2.66 8.57
C THR A 203 -18.48 -2.35 9.95
N ASN A 204 -19.39 -3.22 10.40
CA ASN A 204 -20.04 -3.10 11.69
C ASN A 204 -19.57 -4.19 12.69
N GLU A 205 -18.48 -4.89 12.40
CA GLU A 205 -18.04 -6.02 13.23
C GLU A 205 -17.73 -5.57 14.67
N SER A 206 -17.01 -4.48 14.85
CA SER A 206 -16.55 -4.10 16.18
C SER A 206 -17.70 -3.50 16.95
N SER A 207 -17.61 -3.59 18.29
CA SER A 207 -18.54 -2.94 19.16
C SER A 207 -17.99 -1.58 19.64
N SER A 208 -16.87 -1.11 19.11
CA SER A 208 -16.48 0.28 19.39
C SER A 208 -17.51 1.24 18.75
N ASP A 209 -17.50 2.48 19.24
CA ASP A 209 -18.22 3.60 18.64
C ASP A 209 -17.60 3.93 17.28
N HIS A 210 -16.32 3.59 17.09
CA HIS A 210 -15.74 3.68 15.81
C HIS A 210 -16.07 2.37 15.08
N ARG A 211 -15.96 2.38 13.75
CA ARG A 211 -16.28 1.27 12.93
C ARG A 211 -15.00 0.72 12.25
N LEU A 212 -14.95 -0.62 12.17
CA LEU A 212 -13.77 -1.26 11.69
C LEU A 212 -13.72 -1.06 10.19
N ILE A 213 -12.58 -0.57 9.74
CA ILE A 213 -12.29 -0.45 8.41
C ILE A 213 -11.50 -1.70 8.00
N VAL A 214 -11.76 -2.19 6.80
CA VAL A 214 -11.05 -3.33 6.26
C VAL A 214 -10.62 -3.06 4.82
N PHE A 215 -9.46 -3.59 4.43
CA PHE A 215 -8.99 -3.43 3.06
C PHE A 215 -7.87 -4.43 2.73
N GLY A 216 -7.56 -4.54 1.45
CA GLY A 216 -6.53 -5.41 0.96
C GLY A 216 -5.34 -4.64 0.46
N VAL A 217 -4.17 -5.25 0.55
CA VAL A 217 -2.90 -4.67 0.13
C VAL A 217 -2.16 -5.70 -0.71
N GLY A 218 -1.81 -5.30 -1.94
CA GLY A 218 -1.09 -6.12 -2.88
C GLY A 218 0.39 -6.11 -2.57
N GLY A 219 1.17 -6.69 -3.50
CA GLY A 219 2.55 -7.08 -3.28
C GLY A 219 3.57 -6.18 -3.98
N GLY A 220 3.07 -5.17 -4.71
CA GLY A 220 3.93 -4.22 -5.43
C GLY A 220 3.33 -2.82 -5.48
N THR A 221 3.72 -2.08 -6.53
CA THR A 221 3.44 -0.66 -6.69
C THR A 221 2.27 -0.47 -7.69
N GLY A 225 2.19 -4.35 -14.77
N GLY A 225 5.54 -3.41 -13.25
CA GLY A 225 3.11 -4.28 -13.60
CA GLY A 225 4.57 -2.73 -12.34
C GLY A 225 2.66 -5.26 -12.52
C GLY A 225 4.85 -1.23 -12.24
N SER A 226 3.06 -5.00 -11.27
N SER A 226 3.79 -0.43 -12.38
CA SER A 226 2.64 -5.84 -10.16
CA SER A 226 3.87 1.04 -12.32
C SER A 226 1.16 -6.19 -10.32
C SER A 226 4.94 1.48 -11.31
N MET A 227 0.89 -7.38 -10.84
N MET A 227 5.88 2.32 -11.75
CA MET A 227 -0.44 -7.74 -11.29
CA MET A 227 7.00 2.72 -10.92
C MET A 227 -1.00 -8.89 -10.45
C MET A 227 7.34 4.20 -11.14
N GLN A 228 -1.97 -9.59 -11.05
N GLN A 228 8.18 4.73 -10.25
CA GLN A 228 -2.61 -10.75 -10.46
CA GLN A 228 8.64 6.10 -10.30
C GLN A 228 -2.94 -11.72 -11.61
C GLN A 228 10.11 6.10 -10.74
N ILE A 229 -2.79 -13.02 -11.35
N ILE A 229 10.49 7.14 -11.50
CA ILE A 229 -3.08 -14.07 -12.31
CA ILE A 229 11.89 7.38 -11.88
C ILE A 229 -3.85 -15.19 -11.61
C ILE A 229 12.14 8.89 -11.82
N PHE A 230 -4.77 -15.81 -12.36
N PHE A 230 13.37 9.29 -12.15
CA PHE A 230 -5.55 -16.92 -11.86
CA PHE A 230 13.80 10.67 -12.10
C PHE A 230 -4.96 -18.23 -12.38
C PHE A 230 14.34 11.07 -13.48
N VAL A 231 -4.39 -19.01 -11.45
N VAL A 231 14.49 12.38 -13.72
CA VAL A 231 -3.91 -20.37 -11.73
CA VAL A 231 15.18 12.93 -14.90
C VAL A 231 -5.01 -21.35 -11.36
C VAL A 231 15.88 14.22 -14.49
N LYS A 232 -5.58 -22.03 -12.35
N LYS A 232 17.17 14.35 -14.81
CA LYS A 232 -6.75 -22.89 -12.12
CA LYS A 232 17.97 15.51 -14.36
C LYS A 232 -6.40 -24.37 -12.37
C LYS A 232 18.56 16.24 -15.56
N THR A 233 -6.84 -25.22 -11.43
N THR A 233 18.20 17.52 -15.70
CA THR A 233 -6.81 -26.67 -11.57
CA THR A 233 18.56 18.34 -16.85
C THR A 233 -8.09 -27.17 -12.25
C THR A 233 19.93 19.00 -16.63
N LEU A 234 -8.09 -28.47 -12.53
N LEU A 234 20.33 19.82 -17.61
CA LEU A 234 -9.22 -29.09 -13.19
CA LEU A 234 21.60 20.57 -17.57
C LEU A 234 -10.26 -29.52 -12.14
C LEU A 234 21.46 21.74 -16.60
N THR A 235 -9.89 -29.42 -10.85
N THR A 235 20.21 22.19 -16.42
CA THR A 235 -10.79 -29.77 -9.75
CA THR A 235 19.79 22.99 -15.30
C THR A 235 -11.63 -28.54 -9.34
C THR A 235 19.68 22.07 -14.08
N GLY A 236 -11.36 -27.41 -10.01
N GLY A 236 20.05 22.57 -12.90
CA GLY A 236 -12.09 -26.15 -9.79
CA GLY A 236 19.95 21.79 -11.67
C GLY A 236 -11.37 -25.19 -8.86
C GLY A 236 18.50 21.58 -11.27
N LYS A 237 -10.21 -25.58 -8.31
N LYS A 237 17.79 20.72 -12.03
CA LYS A 237 -9.46 -24.75 -7.35
CA LYS A 237 16.39 20.43 -11.75
C LYS A 237 -8.67 -23.66 -8.08
C LYS A 237 16.15 18.91 -11.88
N THR A 238 -8.87 -22.40 -7.66
N THR A 238 15.38 18.37 -10.95
CA THR A 238 -8.15 -21.27 -8.21
CA THR A 238 15.02 16.94 -10.92
C THR A 238 -7.17 -20.66 -7.21
C THR A 238 13.50 16.79 -10.80
N ILE A 239 -5.88 -20.71 -7.55
N ILE A 239 12.90 16.17 -11.82
CA ILE A 239 -4.83 -20.01 -6.81
CA ILE A 239 11.46 15.92 -11.88
C ILE A 239 -4.60 -18.63 -7.44
C ILE A 239 11.20 14.41 -11.84
N THR A 240 -5.20 -17.59 -6.83
N THR A 240 10.11 14.01 -11.14
CA THR A 240 -4.91 -16.21 -7.17
CA THR A 240 9.71 12.61 -11.04
C THR A 240 -3.53 -15.89 -6.59
C THR A 240 8.71 12.28 -12.14
N LEU A 241 -2.77 -15.05 -7.28
N LEU A 241 8.68 11.00 -12.53
CA LEU A 241 -1.33 -15.02 -7.14
CA LEU A 241 7.78 10.52 -13.57
C LEU A 241 -0.80 -13.65 -7.55
C LEU A 241 7.16 9.18 -13.14
N GLU A 242 -0.15 -12.96 -6.61
N GLU A 242 5.87 9.01 -13.41
CA GLU A 242 0.45 -11.66 -6.85
CA GLU A 242 5.20 7.74 -13.20
C GLU A 242 1.84 -11.86 -7.48
C GLU A 242 5.15 6.99 -14.53
N VAL A 243 2.02 -11.33 -8.69
N VAL A 243 5.78 5.81 -14.58
CA VAL A 243 3.19 -11.62 -9.49
CA VAL A 243 5.93 5.04 -15.82
C VAL A 243 3.49 -10.44 -10.43
C VAL A 243 5.87 3.55 -15.54
N GLU A 244 4.79 -10.23 -10.70
N GLU A 244 5.51 2.79 -16.58
CA GLU A 244 5.27 -9.11 -11.52
CA GLU A 244 5.59 1.34 -16.61
C GLU A 244 5.50 -9.60 -12.94
C GLU A 244 6.91 0.93 -17.24
N PRO A 245 5.76 -8.67 -13.90
N PRO A 245 7.46 -0.27 -16.91
CA PRO A 245 5.81 -9.04 -15.32
CA PRO A 245 8.71 -0.75 -17.49
C PRO A 245 6.99 -9.96 -15.66
C PRO A 245 8.55 -1.15 -18.97
N SER A 246 8.13 -9.73 -14.99
N SER A 246 7.29 -1.31 -19.40
CA SER A 246 9.39 -10.30 -15.38
CA SER A 246 6.97 -1.77 -20.76
C SER A 246 9.78 -11.47 -14.45
C SER A 246 6.78 -0.58 -21.72
N ASP A 247 8.81 -12.02 -13.73
N ASP A 247 6.83 0.64 -21.16
CA ASP A 247 9.03 -13.24 -12.96
CA ASP A 247 6.79 1.90 -21.91
C ASP A 247 9.08 -14.43 -13.93
C ASP A 247 8.02 2.01 -22.84
N THR A 248 9.98 -15.39 -13.65
N THR A 248 7.80 2.50 -24.06
CA THR A 248 10.11 -16.58 -14.49
CA THR A 248 8.89 2.85 -24.98
C THR A 248 8.99 -17.55 -14.13
C THR A 248 9.56 4.13 -24.50
N ILE A 249 8.76 -18.52 -15.03
N ILE A 249 10.72 4.47 -25.07
CA ILE A 249 7.70 -19.50 -14.84
CA ILE A 249 11.51 5.64 -24.66
C ILE A 249 8.12 -20.44 -13.71
C ILE A 249 10.78 6.93 -25.09
N GLU A 250 9.41 -20.40 -13.37
N GLU A 250 9.89 6.80 -26.07
CA GLU A 250 9.97 -21.20 -12.29
CA GLU A 250 9.22 7.93 -26.70
C GLU A 250 9.59 -20.56 -10.95
C GLU A 250 8.04 8.39 -25.83
N ASN A 251 9.92 -19.28 -10.80
N ASN A 251 7.48 7.44 -25.06
CA ASN A 251 9.58 -18.55 -9.57
CA ASN A 251 6.40 7.74 -24.12
C ASN A 251 8.12 -18.10 -9.65
C ASN A 251 6.93 8.60 -22.97
N VAL A 252 7.28 -19.02 -10.14
N VAL A 252 8.25 8.53 -22.74
CA VAL A 252 5.82 -18.97 -10.02
CA VAL A 252 8.91 9.27 -21.66
C VAL A 252 5.34 -20.36 -9.58
C VAL A 252 9.28 10.66 -22.18
N LYS A 253 6.12 -21.40 -9.94
N LYS A 253 9.62 10.74 -23.47
CA LYS A 253 5.84 -22.77 -9.54
CA LYS A 253 9.85 12.03 -24.12
C LYS A 253 6.19 -22.93 -8.05
C LYS A 253 8.52 12.80 -24.15
N ALA A 254 7.14 -22.12 -7.56
N ALA A 254 7.41 12.06 -24.28
CA ALA A 254 7.59 -22.15 -6.17
CA ALA A 254 6.06 12.63 -24.42
C ALA A 254 6.61 -21.35 -5.28
C ALA A 254 5.45 12.90 -23.04
N LYS A 255 5.77 -20.52 -5.93
N LYS A 255 6.25 12.67 -21.99
CA LYS A 255 4.67 -19.80 -5.27
CA LYS A 255 5.81 12.89 -20.61
C LYS A 255 3.51 -20.76 -4.99
C LYS A 255 6.69 13.98 -19.96
N ILE A 256 3.27 -21.64 -5.98
N ILE A 256 7.94 14.10 -20.43
CA ILE A 256 2.22 -22.64 -5.92
CA ILE A 256 8.82 15.18 -20.00
C ILE A 256 2.61 -23.73 -4.91
C ILE A 256 8.26 16.50 -20.52
N GLN A 257 3.92 -23.91 -4.69
N GLN A 257 7.74 16.46 -21.76
CA GLN A 257 4.39 -24.85 -3.67
CA GLN A 257 7.09 17.60 -22.38
C GLN A 257 4.14 -24.27 -2.26
C GLN A 257 5.81 17.96 -21.61
N ASP A 258 4.51 -23.00 -2.06
N ASP A 258 5.22 16.96 -20.93
CA ASP A 258 4.44 -22.41 -0.74
CA ASP A 258 3.95 17.13 -20.21
C ASP A 258 3.00 -22.02 -0.40
C ASP A 258 4.16 18.02 -18.98
N LYS A 259 2.09 -22.10 -1.37
N LYS A 259 5.34 17.92 -18.33
CA LYS A 259 0.68 -21.75 -1.13
CA LYS A 259 5.62 18.71 -17.13
C LYS A 259 -0.15 -23.02 -0.98
C LYS A 259 7.00 19.38 -17.23
N GLU A 260 0.18 -24.08 -1.74
N GLU A 260 7.40 19.79 -18.45
CA GLU A 260 -0.63 -25.30 -1.73
CA GLU A 260 8.57 20.67 -18.64
C GLU A 260 0.25 -26.50 -1.36
C GLU A 260 8.49 21.42 -19.97
N GLY A 261 1.56 -26.24 -1.21
N GLY A 261 7.60 20.97 -20.87
CA GLY A 261 2.53 -27.28 -0.89
CA GLY A 261 7.30 21.69 -22.11
C GLY A 261 2.62 -28.33 -1.99
C GLY A 261 8.44 21.63 -23.11
N ILE A 262 2.51 -27.90 -3.24
N ILE A 262 9.30 20.61 -22.98
CA ILE A 262 2.64 -28.78 -4.40
CA ILE A 262 10.44 20.40 -23.87
C ILE A 262 4.06 -28.67 -4.92
C ILE A 262 10.05 19.40 -24.96
N PRO A 263 4.79 -29.80 -5.09
N PRO A 263 10.06 19.81 -26.25
CA PRO A 263 6.18 -29.76 -5.54
CA PRO A 263 9.66 18.92 -27.34
C PRO A 263 6.29 -29.33 -7.00
C PRO A 263 10.56 17.70 -27.46
N PRO A 264 7.21 -28.39 -7.33
N PRO A 264 9.99 16.52 -27.83
CA PRO A 264 7.39 -27.90 -8.70
CA PRO A 264 10.76 15.30 -28.09
C PRO A 264 7.73 -28.93 -9.80
C PRO A 264 11.90 15.41 -29.13
N ASP A 265 8.41 -30.00 -9.42
N ASP A 265 11.96 16.48 -29.91
CA ASP A 265 8.91 -30.98 -10.38
CA ASP A 265 12.98 16.64 -30.95
C ASP A 265 7.72 -31.72 -11.02
C ASP A 265 14.29 17.15 -30.32
N GLN A 266 6.52 -31.49 -10.46
N GLN A 266 14.18 17.71 -29.11
CA GLN A 266 5.30 -32.18 -10.88
CA GLN A 266 15.34 18.29 -28.44
C GLN A 266 4.20 -31.16 -11.15
C GLN A 266 15.73 17.48 -27.21
N GLN A 267 4.59 -29.90 -11.40
N GLN A 267 15.29 16.22 -27.16
CA GLN A 267 3.67 -28.83 -11.80
CA GLN A 267 15.55 15.36 -26.00
C GLN A 267 3.80 -28.57 -13.30
C GLN A 267 16.50 14.23 -26.38
N ARG A 268 2.71 -28.76 -14.06
N ARG A 268 17.65 14.19 -25.70
CA ARG A 268 2.68 -28.32 -15.45
CA ARG A 268 18.64 13.11 -25.79
C ARG A 268 1.72 -27.13 -15.59
C ARG A 268 18.78 12.49 -24.39
N LEU A 269 2.28 -25.97 -15.95
N LEU A 269 18.23 11.28 -24.20
CA LEU A 269 1.51 -24.76 -16.20
CA LEU A 269 18.16 10.61 -22.90
C LEU A 269 1.33 -24.59 -17.71
C LEU A 269 19.37 9.68 -22.71
N ILE A 270 0.08 -24.36 -18.12
N ILE A 270 19.95 9.72 -21.52
CA ILE A 270 -0.25 -24.20 -19.51
CA ILE A 270 21.12 8.91 -21.21
C ILE A 270 -0.98 -22.87 -19.71
C ILE A 270 20.81 8.02 -19.99
N PHE A 271 -0.66 -22.21 -20.83
N PHE A 271 21.17 6.74 -20.11
CA PHE A 271 -1.29 -20.96 -21.21
CA PHE A 271 21.12 5.77 -19.01
C PHE A 271 -1.35 -20.87 -22.75
C PHE A 271 22.30 4.79 -19.19
N ALA A 272 -2.52 -20.50 -23.27
N ALA A 272 23.18 4.74 -18.18
CA ALA A 272 -2.73 -20.35 -24.69
CA ALA A 272 24.35 3.87 -18.18
C ALA A 272 -2.13 -21.54 -25.44
C ALA A 272 25.37 4.41 -19.18
N GLY A 273 -2.47 -22.75 -24.98
N GLY A 273 25.46 5.75 -19.26
CA GLY A 273 -2.19 -24.01 -25.68
CA GLY A 273 26.41 6.45 -20.10
C GLY A 273 -0.71 -24.35 -25.72
C GLY A 273 26.24 6.15 -21.58
N LYS A 274 0.03 -23.79 -24.76
N LYS A 274 25.01 5.81 -21.99
CA LYS A 274 1.49 -23.82 -24.77
CA LYS A 274 24.69 5.51 -23.38
C LYS A 274 1.99 -24.14 -23.36
C LYS A 274 23.45 6.30 -23.83
N GLN A 275 2.66 -25.27 -23.20
N GLN A 275 23.29 6.42 -25.15
CA GLN A 275 3.31 -25.57 -21.94
CA GLN A 275 22.20 7.15 -25.79
C GLN A 275 4.41 -24.53 -21.70
C GLN A 275 20.99 6.21 -25.94
N LEU A 276 4.48 -24.02 -20.48
N LEU A 276 19.86 6.60 -25.34
CA LEU A 276 5.42 -22.96 -20.12
CA LEU A 276 18.63 5.80 -25.35
C LEU A 276 6.71 -23.59 -19.59
C LEU A 276 17.94 5.89 -26.72
N GLU A 277 7.83 -23.25 -20.26
N GLU A 277 16.95 5.04 -26.93
CA GLU A 277 9.18 -23.65 -19.85
CA GLU A 277 16.36 4.80 -28.24
C GLU A 277 9.60 -22.83 -18.64
C GLU A 277 14.82 4.87 -28.14
N ASP A 278 10.31 -23.48 -17.71
N ASP A 278 14.20 5.59 -29.08
CA ASP A 278 10.61 -22.92 -16.38
CA ASP A 278 12.76 5.75 -29.12
C ASP A 278 11.47 -21.65 -16.51
C ASP A 278 12.09 4.37 -29.15
N GLY A 279 12.33 -21.60 -17.53
N GLY A 279 12.57 3.49 -30.03
CA GLY A 279 13.37 -20.57 -17.65
CA GLY A 279 11.98 2.18 -30.23
C GLY A 279 12.82 -19.20 -18.01
C GLY A 279 11.89 1.38 -28.93
N ARG A 280 11.78 -19.18 -18.87
N ARG A 280 13.03 1.20 -28.25
CA ARG A 280 11.25 -17.95 -19.44
CA ARG A 280 13.18 0.24 -27.16
C ARG A 280 10.53 -17.12 -18.39
C ARG A 280 12.36 0.68 -25.93
N THR A 281 10.31 -15.84 -18.72
N THR A 281 12.23 -0.24 -24.96
CA THR A 281 9.61 -14.89 -17.86
CA THR A 281 11.45 -0.04 -23.73
C THR A 281 8.13 -14.84 -18.26
C THR A 281 12.39 0.22 -22.54
N LEU A 282 7.30 -14.26 -17.40
N LEU A 282 11.81 0.54 -21.38
CA LEU A 282 5.87 -14.19 -17.62
CA LEU A 282 12.55 0.93 -20.17
C LEU A 282 5.59 -13.38 -18.90
C LEU A 282 13.19 -0.30 -19.53
N SER A 283 6.32 -12.28 -19.07
N SER A 283 12.64 -1.48 -19.81
CA SER A 283 6.10 -11.34 -20.18
CA SER A 283 13.14 -2.74 -19.27
C SER A 283 6.55 -11.94 -21.51
C SER A 283 14.46 -3.12 -19.98
N ASP A 284 7.31 -13.05 -21.45
N ASP A 284 14.53 -2.75 -21.27
CA ASP A 284 7.79 -13.74 -22.66
CA ASP A 284 15.62 -3.16 -22.15
C ASP A 284 6.63 -14.49 -23.31
C ASP A 284 16.94 -2.50 -21.70
N TYR A 285 5.68 -14.98 -22.50
N TYR A 285 16.83 -1.39 -20.95
CA TYR A 285 4.50 -15.73 -22.99
CA TYR A 285 18.01 -0.71 -20.39
C TYR A 285 3.25 -14.83 -23.04
C TYR A 285 18.15 -1.06 -18.90
N ASN A 286 3.47 -13.50 -23.02
N ASN A 286 17.08 -1.64 -18.33
CA ASN A 286 2.42 -12.49 -23.22
CA ASN A 286 17.00 -2.02 -16.91
C ASN A 286 1.36 -12.60 -22.11
C ASN A 286 16.73 -0.76 -16.07
N ILE A 287 1.81 -12.95 -20.90
N ILE A 287 15.88 0.11 -16.62
CA ILE A 287 0.92 -13.17 -19.76
CA ILE A 287 15.28 1.24 -15.90
C ILE A 287 0.86 -11.88 -18.93
C ILE A 287 14.16 0.67 -15.03
N GLN A 288 -0.35 -11.33 -18.79
N GLN A 288 14.25 0.94 -13.72
CA GLN A 288 -0.56 -10.05 -18.11
CA GLN A 288 13.34 0.39 -12.73
C GLN A 288 -1.79 -10.14 -17.19
C GLN A 288 13.09 1.43 -11.62
N LYS A 289 -2.31 -8.98 -16.79
N LYS A 289 12.55 0.99 -10.48
CA LYS A 289 -3.29 -8.85 -15.70
CA LYS A 289 12.08 1.92 -9.46
C LYS A 289 -4.55 -9.65 -16.02
C LYS A 289 13.22 2.86 -9.05
N GLU A 290 -4.98 -10.48 -15.05
N GLU A 290 12.98 4.16 -9.26
CA GLU A 290 -6.24 -11.25 -15.09
CA GLU A 290 13.81 5.26 -8.79
C GLU A 290 -6.12 -12.48 -16.00
C GLU A 290 15.16 5.27 -9.52
N SER A 291 -4.89 -12.77 -16.47
N SER A 291 15.21 4.69 -10.73
CA SER A 291 -4.64 -13.97 -17.26
CA SER A 291 16.34 4.92 -11.63
C SER A 291 -4.99 -15.22 -16.43
C SER A 291 16.36 6.39 -12.03
N THR A 292 -5.44 -16.27 -17.12
N THR A 292 17.56 6.98 -12.20
CA THR A 292 -5.82 -17.51 -16.47
CA THR A 292 17.68 8.39 -12.63
C THR A 292 -4.97 -18.66 -17.03
C THR A 292 18.27 8.47 -14.05
N LEU A 293 -4.07 -19.19 -16.20
N LEU A 293 17.54 9.19 -14.91
CA LEU A 293 -3.28 -20.35 -16.59
CA LEU A 293 17.94 9.47 -16.29
C LEU A 293 -4.00 -21.62 -16.13
C LEU A 293 18.58 10.86 -16.35
N HIS A 294 -3.78 -22.73 -16.85
N HIS A 294 19.56 11.02 -17.24
CA HIS A 294 -4.13 -24.05 -16.38
CA HIS A 294 20.11 12.33 -17.56
C HIS A 294 -2.97 -24.58 -15.52
C HIS A 294 19.53 12.80 -18.90
N LEU A 295 -3.30 -25.15 -14.36
N LEU A 295 19.39 14.12 -19.02
CA LEU A 295 -2.33 -25.90 -13.56
CA LEU A 295 18.85 14.78 -20.19
C LEU A 295 -2.73 -27.39 -13.54
C LEU A 295 19.85 15.85 -20.64
N VAL A 296 -1.95 -28.21 -14.25
N VAL A 296 20.37 15.73 -21.87
CA VAL A 296 -2.17 -29.65 -14.33
CA VAL A 296 21.30 16.72 -22.43
C VAL A 296 -1.07 -30.36 -13.54
C VAL A 296 20.59 17.50 -23.53
N LEU A 297 -1.43 -31.50 -12.94
N LEU A 297 20.81 18.82 -23.56
CA LEU A 297 -0.52 -32.29 -12.09
CA LEU A 297 20.21 19.75 -24.52
C LEU A 297 0.02 -33.48 -12.90
C LEU A 297 21.17 19.96 -25.69
N ARG A 298 1.33 -33.76 -12.76
CA ARG A 298 2.01 -34.77 -13.59
C ARG A 298 2.95 -35.63 -12.73
C ACY B . -4.98 -14.66 19.51
O ACY B . -4.65 -14.31 18.33
OXT ACY B . -5.38 -15.80 19.81
CH3 ACY B . -4.89 -13.72 20.66
#